data_3QCM
#
_entry.id   3QCM
#
_cell.length_a   59.600
_cell.length_b   74.600
_cell.length_c   81.900
_cell.angle_alpha   90.00
_cell.angle_beta   98.30
_cell.angle_gamma   90.00
#
_symmetry.space_group_name_H-M   'P 1 21 1'
#
loop_
_entity.id
_entity.type
_entity.pdbx_description
1 polymer 'Receptor-type tyrosine-protein phosphatase gamma'
2 non-polymer '2-[(3,4-dichlorobenzyl)sulfanyl]-4-{[3-({N-[2-(methylamino)ethyl]glycyl}amino)phenyl]ethynyl}benzoic acid'
3 non-polymer '2-(N-MORPHOLINO)-ETHANESULFONIC ACID'
4 water water
#
_entity_poly.entity_id   1
_entity_poly.type   'polypeptide(L)'
_entity_poly.pdbx_seq_one_letter_code
;GSHMGSMEAIPVKQFVKHIGELYSNNQHGFSEDFEEVQRCTADMNITAEHSNHPENKHKNRYINILAYDHSRVKLRPLPG
KDSKHSDYINANYVDGYNKAKAYIATQGPLKSTFEDFWRMIWEQNTGIIIMITNLVEKGRRKCDQYWPTENTEEYGNIIV
TLKSTKIHACYTVRRFSIRNTKVKKGQKGNPKGRQNERVVIQYHYTQWPDMGVPEYALPVLTFVRRSSAARMPETGPVLV
HCSAGVGRTGTYIVIDSMLQQIKDKSTVNVLGFLKHIRTQRNYLVQTEEQYIFIHDALLEAILGKETEVS
;
_entity_poly.pdbx_strand_id   A,B
#
loop_
_chem_comp.id
_chem_comp.type
_chem_comp.name
_chem_comp.formula
MES non-polymer '2-(N-MORPHOLINO)-ETHANESULFONIC ACID' 'C6 H13 N O4 S'
NXW non-polymer '2-[(3,4-dichlorobenzyl)sulfanyl]-4-{[3-({N-[2-(methylamino)ethyl]glycyl}amino)phenyl]ethynyl}benzoic acid' 'C27 H25 Cl2 N3 O3 S'
#
# COMPACT_ATOMS: atom_id res chain seq x y z
N MET A 7 -34.81 14.05 21.37
CA MET A 7 -34.03 13.31 20.37
C MET A 7 -33.27 14.22 19.37
N GLU A 8 -33.03 15.48 19.76
CA GLU A 8 -32.27 16.49 19.01
C GLU A 8 -30.89 16.54 19.70
N ALA A 9 -29.87 17.15 19.04
CA ALA A 9 -28.52 17.23 19.64
C ALA A 9 -28.51 18.03 20.96
N ILE A 10 -28.17 17.39 22.07
CA ILE A 10 -28.13 17.94 23.41
C ILE A 10 -26.73 18.54 23.72
N PRO A 11 -26.60 19.74 24.34
CA PRO A 11 -25.24 20.24 24.67
C PRO A 11 -24.59 19.33 25.71
N VAL A 12 -23.25 19.18 25.63
CA VAL A 12 -22.43 18.36 26.52
C VAL A 12 -22.78 18.47 28.04
N LYS A 13 -23.07 19.71 28.48
CA LYS A 13 -23.45 20.04 29.86
C LYS A 13 -24.78 19.38 30.22
N GLN A 14 -25.76 19.47 29.32
CA GLN A 14 -27.09 18.87 29.48
C GLN A 14 -26.98 17.36 29.41
N PHE A 15 -26.10 16.84 28.52
CA PHE A 15 -25.86 15.41 28.38
C PHE A 15 -25.45 14.80 29.70
N VAL A 16 -24.49 15.46 30.37
CA VAL A 16 -24.00 15.08 31.69
C VAL A 16 -25.16 14.98 32.69
N LYS A 17 -26.05 16.00 32.71
CA LYS A 17 -27.24 16.01 33.58
C LYS A 17 -28.23 14.90 33.16
N HIS A 18 -28.35 14.65 31.86
CA HIS A 18 -29.21 13.61 31.30
C HIS A 18 -28.76 12.19 31.70
N ILE A 19 -27.43 11.98 31.88
CA ILE A 19 -26.86 10.69 32.34
C ILE A 19 -27.33 10.38 33.76
N GLY A 20 -27.38 11.41 34.58
CA GLY A 20 -27.91 11.33 35.95
C GLY A 20 -29.36 10.84 36.00
N GLU A 21 -30.22 11.37 35.07
CA GLU A 21 -31.64 11.04 34.95
C GLU A 21 -31.81 9.59 34.53
N LEU A 22 -30.91 9.14 33.64
CA LEU A 22 -30.92 7.79 33.11
C LEU A 22 -30.50 6.76 34.17
N TYR A 23 -29.47 7.09 34.95
CA TYR A 23 -28.99 6.21 36.03
C TYR A 23 -29.96 6.09 37.23
N SER A 24 -30.79 7.12 37.50
CA SER A 24 -31.69 7.06 38.64
C SER A 24 -32.74 5.95 38.48
N ASN A 25 -33.53 5.74 39.54
CA ASN A 25 -34.63 4.78 39.57
C ASN A 25 -34.30 3.41 38.95
N ASN A 26 -33.22 2.78 39.49
CA ASN A 26 -32.68 1.48 39.06
C ASN A 26 -32.42 1.35 37.55
N GLN A 27 -31.92 2.46 36.94
CA GLN A 27 -31.59 2.60 35.53
C GLN A 27 -32.76 2.44 34.58
N HIS A 28 -33.97 2.81 35.04
CA HIS A 28 -35.15 2.68 34.20
C HIS A 28 -35.20 3.52 32.93
N GLY A 29 -34.58 4.72 32.96
CA GLY A 29 -34.48 5.60 31.81
C GLY A 29 -33.67 4.96 30.68
N PHE A 30 -32.58 4.25 31.04
CA PHE A 30 -31.71 3.51 30.12
C PHE A 30 -32.51 2.38 29.50
N SER A 31 -33.29 1.64 30.32
CA SER A 31 -34.15 0.54 29.88
C SER A 31 -35.20 0.98 28.87
N GLU A 32 -35.80 2.17 29.09
CA GLU A 32 -36.81 2.81 28.24
C GLU A 32 -36.18 3.27 26.93
N ASP A 33 -35.01 3.90 27.00
CA ASP A 33 -34.22 4.31 25.84
C ASP A 33 -33.89 3.07 24.96
N PHE A 34 -33.39 2.00 25.61
CA PHE A 34 -32.99 0.78 24.89
C PHE A 34 -34.17 0.03 24.29
N GLU A 35 -35.32 0.02 25.00
CA GLU A 35 -36.56 -0.58 24.50
C GLU A 35 -37.05 0.18 23.25
N GLU A 36 -36.87 1.52 23.24
CA GLU A 36 -37.20 2.42 22.15
C GLU A 36 -36.30 2.15 20.92
N VAL A 37 -35.01 1.84 21.16
CA VAL A 37 -34.05 1.46 20.12
C VAL A 37 -34.45 0.09 19.57
N GLN A 38 -34.75 -0.88 20.46
CA GLN A 38 -35.14 -2.23 20.06
C GLN A 38 -36.38 -2.28 19.12
N ARG A 39 -37.30 -1.33 19.26
CA ARG A 39 -38.52 -1.32 18.45
C ARG A 39 -38.56 -0.32 17.28
N CYS A 40 -37.62 0.64 17.20
CA CYS A 40 -37.63 1.69 16.19
C CYS A 40 -37.78 1.28 14.69
N THR A 41 -37.33 0.08 14.31
CA THR A 41 -37.42 -0.38 12.91
C THR A 41 -38.49 -1.48 12.72
N ALA A 42 -39.21 -1.87 13.81
CA ALA A 42 -40.22 -2.94 13.80
C ALA A 42 -41.26 -2.83 12.69
N ASP A 43 -41.78 -1.60 12.43
CA ASP A 43 -42.78 -1.40 11.37
C ASP A 43 -42.22 -1.01 9.99
N MET A 44 -40.88 -0.99 9.85
CA MET A 44 -40.24 -0.56 8.61
C MET A 44 -40.10 -1.59 7.50
N ASN A 45 -40.48 -2.84 7.78
CA ASN A 45 -40.39 -3.97 6.84
C ASN A 45 -39.02 -4.07 6.12
N ILE A 46 -37.89 -3.71 6.81
CA ILE A 46 -36.56 -3.72 6.18
C ILE A 46 -36.21 -5.15 5.78
N THR A 47 -36.04 -5.37 4.48
CA THR A 47 -35.73 -6.69 3.95
C THR A 47 -34.26 -7.06 4.00
N ALA A 48 -34.02 -8.38 4.14
CA ALA A 48 -32.74 -9.05 4.15
C ALA A 48 -32.88 -10.36 3.35
N GLU A 49 -33.36 -10.24 2.08
CA GLU A 49 -33.63 -11.36 1.16
C GLU A 49 -32.38 -12.17 0.85
N HIS A 50 -31.30 -11.49 0.37
CA HIS A 50 -30.02 -12.14 0.06
C HIS A 50 -29.43 -12.94 1.23
N SER A 51 -29.58 -12.41 2.47
CA SER A 51 -29.14 -13.05 3.72
C SER A 51 -29.84 -14.39 3.95
N ASN A 52 -31.15 -14.47 3.64
CA ASN A 52 -31.98 -15.66 3.84
C ASN A 52 -32.01 -16.63 2.65
N HIS A 53 -31.36 -16.29 1.53
CA HIS A 53 -31.32 -17.17 0.38
C HIS A 53 -30.52 -18.44 0.73
N PRO A 54 -31.04 -19.66 0.41
CA PRO A 54 -30.31 -20.91 0.74
C PRO A 54 -28.84 -21.00 0.30
N GLU A 55 -28.47 -20.38 -0.83
CA GLU A 55 -27.08 -20.39 -1.30
C GLU A 55 -26.16 -19.58 -0.35
N ASN A 56 -26.74 -18.63 0.43
CA ASN A 56 -26.00 -17.78 1.37
C ASN A 56 -26.08 -18.17 2.85
N LYS A 57 -26.88 -19.19 3.21
CA LYS A 57 -27.04 -19.61 4.62
C LYS A 57 -25.77 -19.97 5.41
N HIS A 58 -24.81 -20.63 4.77
CA HIS A 58 -23.53 -21.05 5.35
C HIS A 58 -22.55 -19.83 5.46
N LYS A 59 -22.92 -18.71 4.81
CA LYS A 59 -22.16 -17.45 4.78
C LYS A 59 -22.50 -16.54 5.98
N ASN A 60 -23.52 -16.92 6.78
CA ASN A 60 -23.99 -16.21 7.98
C ASN A 60 -23.49 -16.93 9.22
N ARG A 61 -22.83 -16.19 10.14
CA ARG A 61 -22.34 -16.73 11.41
C ARG A 61 -23.51 -17.13 12.34
N TYR A 62 -24.57 -16.31 12.40
CA TYR A 62 -25.78 -16.55 13.17
C TYR A 62 -26.97 -16.41 12.23
N ILE A 63 -27.92 -17.38 12.28
CA ILE A 63 -29.13 -17.44 11.42
C ILE A 63 -29.96 -16.18 11.45
N ASN A 64 -30.07 -15.57 12.65
CA ASN A 64 -30.86 -14.38 12.93
C ASN A 64 -30.13 -13.06 12.72
N ILE A 65 -28.81 -13.08 12.47
CA ILE A 65 -28.02 -11.87 12.25
C ILE A 65 -27.86 -11.67 10.77
N LEU A 66 -28.72 -10.81 10.23
CA LEU A 66 -28.84 -10.55 8.81
C LEU A 66 -28.22 -9.24 8.36
N ALA A 67 -28.10 -9.09 7.04
CA ALA A 67 -27.54 -7.91 6.38
C ALA A 67 -28.62 -7.31 5.49
N TYR A 68 -29.23 -6.17 5.92
CA TYR A 68 -30.30 -5.48 5.21
C TYR A 68 -29.93 -5.25 3.77
N ASP A 69 -30.87 -5.53 2.84
CA ASP A 69 -30.65 -5.40 1.38
C ASP A 69 -30.17 -4.07 0.97
N HIS A 70 -30.86 -3.02 1.40
CA HIS A 70 -30.61 -1.63 1.01
C HIS A 70 -29.25 -1.07 1.37
N SER A 71 -28.58 -1.66 2.39
CA SER A 71 -27.30 -1.12 2.88
C SER A 71 -26.15 -2.13 2.78
N ARG A 72 -26.46 -3.37 2.37
CA ARG A 72 -25.43 -4.43 2.28
C ARG A 72 -24.31 -4.10 1.35
N VAL A 73 -23.11 -4.59 1.67
CA VAL A 73 -21.94 -4.40 0.81
C VAL A 73 -22.02 -5.50 -0.23
N LYS A 74 -22.05 -5.11 -1.49
CA LYS A 74 -22.11 -6.10 -2.57
C LYS A 74 -20.72 -6.34 -3.13
N LEU A 75 -20.33 -7.61 -3.18
CA LEU A 75 -19.07 -8.02 -3.81
C LEU A 75 -19.29 -7.91 -5.31
N ARG A 76 -18.26 -7.45 -6.05
CA ARG A 76 -18.37 -7.29 -7.50
C ARG A 76 -18.49 -8.69 -8.16
N PRO A 77 -19.56 -9.01 -8.92
CA PRO A 77 -19.77 -10.41 -9.41
C PRO A 77 -18.53 -11.23 -9.87
N LEU A 78 -18.50 -12.51 -9.44
CA LEU A 78 -17.37 -13.42 -9.70
C LEU A 78 -17.59 -14.47 -10.80
N PRO A 79 -16.65 -14.51 -11.81
CA PRO A 79 -16.79 -15.46 -12.94
C PRO A 79 -17.43 -16.82 -12.70
N GLY A 80 -18.56 -17.04 -13.38
CA GLY A 80 -19.35 -18.25 -13.31
C GLY A 80 -20.69 -18.13 -14.01
N SER A 83 -20.90 -16.61 -10.06
CA SER A 83 -22.14 -17.23 -9.60
C SER A 83 -23.20 -16.19 -9.19
N LYS A 84 -24.48 -16.61 -9.18
CA LYS A 84 -25.65 -15.77 -8.84
C LYS A 84 -25.62 -15.15 -7.44
N HIS A 85 -24.94 -15.81 -6.48
CA HIS A 85 -24.83 -15.36 -5.10
C HIS A 85 -23.39 -15.07 -4.67
N SER A 86 -22.53 -14.80 -5.65
CA SER A 86 -21.12 -14.48 -5.42
C SER A 86 -20.95 -13.01 -4.94
N ASP A 87 -22.07 -12.21 -4.95
CA ASP A 87 -22.05 -10.82 -4.51
C ASP A 87 -22.31 -10.67 -2.97
N TYR A 88 -22.76 -11.75 -2.32
CA TYR A 88 -23.12 -11.73 -0.90
C TYR A 88 -22.01 -11.84 0.14
N ILE A 89 -22.08 -10.92 1.11
CA ILE A 89 -21.30 -10.88 2.34
C ILE A 89 -22.22 -10.32 3.44
N ASN A 90 -22.16 -10.88 4.65
CA ASN A 90 -22.97 -10.37 5.77
C ASN A 90 -22.22 -9.15 6.31
N ALA A 91 -22.46 -8.00 5.63
CA ALA A 91 -21.81 -6.72 5.87
C ALA A 91 -22.72 -5.63 5.42
N ASN A 92 -22.73 -4.50 6.15
CA ASN A 92 -23.54 -3.36 5.82
C ASN A 92 -22.74 -2.08 5.93
N TYR A 93 -23.04 -1.12 5.09
CA TYR A 93 -22.48 0.24 5.17
C TYR A 93 -23.19 0.91 6.35
N VAL A 94 -22.46 1.69 7.16
CA VAL A 94 -23.04 2.36 8.34
C VAL A 94 -22.48 3.74 8.35
N ASP A 95 -23.34 4.73 8.59
CA ASP A 95 -22.93 6.11 8.62
C ASP A 95 -22.14 6.42 9.87
N GLY A 96 -21.32 7.43 9.74
CA GLY A 96 -20.54 8.02 10.80
C GLY A 96 -20.96 9.48 10.94
N TYR A 97 -20.24 10.22 11.77
CA TYR A 97 -20.52 11.64 11.96
C TYR A 97 -20.16 12.43 10.71
N ASN A 98 -21.16 13.14 10.12
CA ASN A 98 -21.03 13.96 8.90
C ASN A 98 -20.42 13.18 7.71
N LYS A 99 -20.50 11.83 7.74
CA LYS A 99 -19.96 10.97 6.70
C LYS A 99 -20.84 9.75 6.54
N ALA A 100 -21.58 9.70 5.45
CA ALA A 100 -22.42 8.58 5.09
C ALA A 100 -21.46 7.45 4.73
N LYS A 101 -21.85 6.20 5.05
CA LYS A 101 -21.07 4.99 4.73
C LYS A 101 -19.60 5.07 5.19
N ALA A 102 -19.39 5.64 6.39
CA ALA A 102 -18.06 5.81 7.01
C ALA A 102 -17.49 4.45 7.45
N TYR A 103 -18.36 3.46 7.62
CA TYR A 103 -17.99 2.12 8.07
C TYR A 103 -18.65 1.04 7.28
N ILE A 104 -18.05 -0.15 7.38
CA ILE A 104 -18.61 -1.42 6.96
C ILE A 104 -18.70 -2.18 8.29
N ALA A 105 -19.92 -2.48 8.73
CA ALA A 105 -20.18 -3.26 9.93
C ALA A 105 -20.40 -4.69 9.45
N THR A 106 -19.58 -5.61 9.93
CA THR A 106 -19.63 -6.99 9.45
C THR A 106 -19.40 -8.01 10.55
N GLN A 107 -19.77 -9.26 10.30
CA GLN A 107 -19.53 -10.34 11.27
C GLN A 107 -18.05 -10.72 11.25
N GLY A 108 -17.62 -11.43 12.27
CA GLY A 108 -16.29 -12.02 12.29
C GLY A 108 -16.32 -13.07 11.19
N PRO A 109 -15.42 -13.00 10.18
CA PRO A 109 -15.52 -13.96 9.06
C PRO A 109 -15.38 -15.43 9.45
N LEU A 110 -15.96 -16.30 8.63
CA LEU A 110 -15.90 -17.75 8.73
C LEU A 110 -14.82 -18.23 7.76
N LYS A 111 -14.27 -19.44 7.98
CA LYS A 111 -13.29 -20.04 7.06
C LYS A 111 -13.86 -20.05 5.63
N SER A 112 -15.18 -20.31 5.51
CA SER A 112 -15.91 -20.30 4.23
C SER A 112 -16.13 -18.89 3.64
N THR A 113 -15.84 -17.81 4.39
CA THR A 113 -16.00 -16.43 3.92
C THR A 113 -14.71 -15.60 3.92
N PHE A 114 -13.55 -16.20 4.21
CA PHE A 114 -12.26 -15.49 4.22
C PHE A 114 -11.94 -14.77 2.92
N GLU A 115 -12.23 -15.41 1.79
CA GLU A 115 -11.98 -14.88 0.45
C GLU A 115 -12.88 -13.68 0.17
N ASP A 116 -14.17 -13.81 0.52
CA ASP A 116 -15.19 -12.75 0.38
C ASP A 116 -14.80 -11.54 1.21
N PHE A 117 -14.32 -11.80 2.45
CA PHE A 117 -13.91 -10.79 3.41
C PHE A 117 -12.75 -9.96 2.87
N TRP A 118 -11.70 -10.61 2.40
CA TRP A 118 -10.53 -9.95 1.83
C TRP A 118 -10.81 -9.28 0.49
N ARG A 119 -11.68 -9.88 -0.31
CA ARG A 119 -12.09 -9.31 -1.60
C ARG A 119 -12.87 -8.01 -1.36
N MET A 120 -13.79 -8.02 -0.38
CA MET A 120 -14.55 -6.82 0.02
C MET A 120 -13.56 -5.72 0.45
N ILE A 121 -12.58 -6.06 1.30
CA ILE A 121 -11.55 -5.09 1.73
C ILE A 121 -10.87 -4.49 0.50
N TRP A 122 -10.42 -5.35 -0.45
CA TRP A 122 -9.77 -4.91 -1.67
C TRP A 122 -10.70 -4.00 -2.48
N GLU A 123 -11.88 -4.51 -2.82
CA GLU A 123 -12.86 -3.79 -3.64
C GLU A 123 -13.36 -2.50 -3.03
N GLN A 124 -13.47 -2.45 -1.70
CA GLN A 124 -13.94 -1.24 -1.00
C GLN A 124 -12.82 -0.25 -0.71
N ASN A 125 -11.56 -0.61 -1.01
CA ASN A 125 -10.36 0.22 -0.74
C ASN A 125 -10.26 0.55 0.77
N THR A 126 -10.65 -0.42 1.62
CA THR A 126 -10.59 -0.32 3.07
C THR A 126 -9.11 -0.33 3.50
N GLY A 127 -8.72 0.59 4.35
CA GLY A 127 -7.37 0.61 4.89
C GLY A 127 -7.28 0.26 6.37
N ILE A 128 -8.43 0.22 7.07
CA ILE A 128 -8.47 -0.06 8.51
C ILE A 128 -9.44 -1.14 8.86
N ILE A 129 -9.01 -2.08 9.72
CA ILE A 129 -9.88 -3.12 10.28
C ILE A 129 -9.95 -2.88 11.79
N ILE A 130 -11.17 -2.83 12.34
CA ILE A 130 -11.40 -2.73 13.76
C ILE A 130 -11.96 -4.09 14.18
N MET A 131 -11.16 -4.85 14.94
CA MET A 131 -11.55 -6.18 15.45
C MET A 131 -11.84 -6.02 16.95
N ILE A 132 -13.09 -6.18 17.35
CA ILE A 132 -13.52 -5.99 18.75
C ILE A 132 -13.98 -7.32 19.36
N THR A 133 -13.08 -8.30 19.35
CA THR A 133 -13.35 -9.63 19.85
C THR A 133 -12.05 -10.39 19.93
N ASN A 134 -12.04 -11.46 20.74
CA ASN A 134 -10.94 -12.41 20.71
C ASN A 134 -11.50 -13.57 19.88
N LEU A 135 -10.63 -14.40 19.27
CA LEU A 135 -11.10 -15.52 18.45
C LEU A 135 -12.00 -16.47 19.24
N VAL A 136 -11.65 -16.69 20.51
CA VAL A 136 -12.37 -17.54 21.47
C VAL A 136 -12.54 -16.70 22.74
N GLU A 137 -13.75 -16.70 23.33
CA GLU A 137 -14.07 -15.99 24.57
C GLU A 137 -14.96 -16.91 25.38
N LYS A 138 -14.62 -17.12 26.68
CA LYS A 138 -15.35 -17.99 27.63
C LYS A 138 -15.54 -19.38 27.03
N GLY A 139 -14.47 -19.90 26.41
CA GLY A 139 -14.45 -21.21 25.76
C GLY A 139 -15.28 -21.33 24.49
N ARG A 140 -15.96 -20.24 24.06
CA ARG A 140 -16.78 -20.24 22.83
C ARG A 140 -16.06 -19.59 21.64
N ARG A 141 -16.22 -20.17 20.45
CA ARG A 141 -15.65 -19.63 19.22
C ARG A 141 -16.44 -18.39 18.78
N LYS A 142 -15.77 -17.23 18.79
CA LYS A 142 -16.37 -15.93 18.44
C LYS A 142 -16.06 -15.51 17.02
N CYS A 143 -14.83 -15.76 16.57
CA CYS A 143 -14.33 -15.36 15.24
C CYS A 143 -13.28 -16.37 14.82
N ASP A 144 -13.05 -16.53 13.51
CA ASP A 144 -12.01 -17.40 12.96
C ASP A 144 -10.87 -16.52 12.54
N GLN A 145 -9.64 -17.02 12.64
CA GLN A 145 -8.45 -16.24 12.24
C GLN A 145 -8.34 -16.11 10.74
N TYR A 146 -8.69 -14.93 10.24
CA TYR A 146 -8.70 -14.58 8.80
C TYR A 146 -7.39 -14.00 8.32
N TRP A 147 -6.39 -13.96 9.18
CA TRP A 147 -5.09 -13.40 8.85
C TRP A 147 -3.95 -14.38 9.14
N PRO A 148 -2.78 -14.29 8.44
CA PRO A 148 -1.67 -15.22 8.73
C PRO A 148 -1.01 -14.93 10.08
N THR A 149 -0.70 -15.98 10.87
CA THR A 149 -0.04 -15.90 12.20
C THR A 149 1.29 -15.21 12.02
N GLU A 150 1.94 -15.55 10.93
CA GLU A 150 3.20 -15.00 10.49
C GLU A 150 3.28 -15.16 8.98
N ASN A 151 4.08 -14.29 8.35
CA ASN A 151 4.34 -14.32 6.92
C ASN A 151 3.13 -14.10 6.03
N THR A 152 2.99 -14.92 4.98
CA THR A 152 2.00 -14.77 3.94
C THR A 152 1.00 -15.91 3.85
N GLU A 153 -0.23 -15.56 3.43
CA GLU A 153 -1.33 -16.45 3.18
C GLU A 153 -2.15 -15.85 2.02
N GLU A 154 -2.73 -16.71 1.18
CA GLU A 154 -3.54 -16.33 0.04
C GLU A 154 -4.98 -16.64 0.36
N TYR A 155 -5.87 -15.70 0.06
CA TYR A 155 -7.31 -15.83 0.28
C TYR A 155 -7.95 -15.46 -1.04
N GLY A 156 -8.09 -16.46 -1.92
CA GLY A 156 -8.59 -16.28 -3.28
C GLY A 156 -7.54 -15.51 -4.06
N ASN A 157 -7.93 -14.43 -4.72
CA ASN A 157 -6.96 -13.61 -5.49
C ASN A 157 -6.21 -12.61 -4.61
N ILE A 158 -6.52 -12.58 -3.31
CA ILE A 158 -5.87 -11.67 -2.35
C ILE A 158 -4.75 -12.34 -1.57
N ILE A 159 -3.52 -11.82 -1.75
CA ILE A 159 -2.30 -12.26 -1.10
C ILE A 159 -2.08 -11.35 0.10
N VAL A 160 -2.03 -11.93 1.30
CA VAL A 160 -1.95 -11.17 2.55
C VAL A 160 -0.68 -11.47 3.30
N THR A 161 0.12 -10.44 3.59
CA THR A 161 1.36 -10.59 4.33
C THR A 161 1.32 -9.78 5.62
N LEU A 162 1.69 -10.42 6.75
CA LEU A 162 1.79 -9.74 8.02
C LEU A 162 3.15 -9.04 8.03
N LYS A 163 3.14 -7.69 8.10
CA LYS A 163 4.39 -6.92 8.09
C LYS A 163 4.94 -6.62 9.46
N SER A 164 4.04 -6.38 10.43
CA SER A 164 4.42 -6.00 11.77
C SER A 164 3.27 -6.17 12.74
N THR A 165 3.62 -6.30 14.03
CA THR A 165 2.73 -6.47 15.15
C THR A 165 3.27 -5.63 16.26
N LYS A 166 2.39 -4.83 16.87
CA LYS A 166 2.70 -4.01 18.02
C LYS A 166 1.67 -4.34 19.08
N ILE A 167 2.12 -4.91 20.20
CA ILE A 167 1.22 -5.30 21.29
C ILE A 167 1.18 -4.23 22.36
N HIS A 168 -0.04 -3.73 22.69
CA HIS A 168 -0.26 -2.77 23.77
C HIS A 168 -1.04 -3.49 24.86
N ALA A 169 -1.17 -2.85 26.04
CA ALA A 169 -1.87 -3.45 27.18
C ALA A 169 -3.29 -3.95 26.87
N CYS A 170 -4.07 -3.16 26.10
CA CYS A 170 -5.46 -3.51 25.81
C CYS A 170 -5.78 -3.82 24.36
N TYR A 171 -4.83 -3.59 23.45
CA TYR A 171 -5.06 -3.84 22.03
C TYR A 171 -3.78 -4.09 21.25
N THR A 172 -3.92 -4.75 20.11
CA THR A 172 -2.83 -5.08 19.20
C THR A 172 -3.06 -4.40 17.84
N VAL A 173 -1.97 -3.91 17.25
CA VAL A 173 -1.95 -3.29 15.92
C VAL A 173 -1.11 -4.22 15.03
N ARG A 174 -1.73 -4.74 13.99
CA ARG A 174 -1.11 -5.59 12.98
C ARG A 174 -1.17 -4.83 11.66
N ARG A 175 -0.03 -4.70 10.97
CA ARG A 175 0.02 -4.07 9.66
C ARG A 175 0.16 -5.18 8.67
N PHE A 176 -0.65 -5.11 7.64
CA PHE A 176 -0.64 -6.07 6.57
C PHE A 176 -0.35 -5.39 5.27
N SER A 177 0.17 -6.16 4.32
CA SER A 177 0.43 -5.71 2.97
C SER A 177 -0.40 -6.65 2.12
N ILE A 178 -1.36 -6.06 1.40
CA ILE A 178 -2.27 -6.85 0.57
C ILE A 178 -2.09 -6.50 -0.92
N ARG A 179 -2.29 -7.50 -1.76
CA ARG A 179 -2.08 -7.40 -3.19
C ARG A 179 -3.01 -8.37 -3.90
N ASN A 180 -3.64 -7.90 -4.96
CA ASN A 180 -4.52 -8.71 -5.81
C ASN A 180 -3.60 -9.35 -6.89
N THR A 181 -3.61 -10.68 -6.98
CA THR A 181 -2.76 -11.40 -7.94
C THR A 181 -3.27 -11.23 -9.39
N LYS A 182 -4.61 -11.36 -9.60
CA LYS A 182 -5.29 -11.26 -10.91
C LYS A 182 -5.76 -9.84 -11.30
N VAL A 183 -4.84 -8.83 -11.30
CA VAL A 183 -5.05 -7.43 -11.74
C VAL A 183 -3.80 -6.90 -12.48
N GLN A 195 -3.43 2.21 -5.84
CA GLN A 195 -2.46 1.22 -6.30
C GLN A 195 -2.77 -0.24 -5.92
N ASN A 196 -2.05 -1.21 -6.56
CA ASN A 196 -2.24 -2.65 -6.38
C ASN A 196 -1.51 -3.33 -5.20
N GLU A 197 -0.66 -2.61 -4.49
CA GLU A 197 -0.05 -3.12 -3.28
C GLU A 197 -0.39 -2.10 -2.21
N ARG A 198 -1.15 -2.54 -1.19
CA ARG A 198 -1.64 -1.65 -0.15
C ARG A 198 -1.51 -2.09 1.28
N VAL A 199 -1.49 -1.10 2.14
CA VAL A 199 -1.41 -1.25 3.57
C VAL A 199 -2.82 -1.33 4.19
N VAL A 200 -3.05 -2.37 4.97
CA VAL A 200 -4.30 -2.55 5.74
C VAL A 200 -3.81 -2.65 7.19
N ILE A 201 -4.32 -1.77 8.06
CA ILE A 201 -3.96 -1.78 9.47
C ILE A 201 -5.12 -2.33 10.26
N GLN A 202 -4.85 -3.35 11.08
CA GLN A 202 -5.82 -3.97 11.94
C GLN A 202 -5.60 -3.54 13.39
N TYR A 203 -6.63 -2.93 14.00
CA TYR A 203 -6.69 -2.51 15.40
C TYR A 203 -7.55 -3.54 16.11
N HIS A 204 -6.89 -4.37 16.89
CA HIS A 204 -7.53 -5.51 17.56
C HIS A 204 -7.63 -5.30 19.07
N TYR A 205 -8.84 -5.14 19.59
CA TYR A 205 -9.09 -4.98 21.05
C TYR A 205 -9.08 -6.39 21.70
N THR A 206 -8.14 -6.59 22.61
CA THR A 206 -7.84 -7.88 23.23
C THR A 206 -8.28 -8.04 24.69
N GLN A 207 -8.57 -6.95 25.42
CA GLN A 207 -8.92 -7.05 26.83
C GLN A 207 -10.38 -7.39 27.10
N TRP A 208 -10.69 -8.69 27.23
CA TRP A 208 -12.04 -9.18 27.47
C TRP A 208 -12.19 -9.84 28.85
N PRO A 209 -12.82 -9.13 29.83
CA PRO A 209 -12.96 -9.66 31.19
C PRO A 209 -13.65 -11.01 31.28
N ASP A 210 -12.88 -12.00 31.77
CA ASP A 210 -13.19 -13.44 31.92
C ASP A 210 -14.44 -13.71 32.74
N MET A 211 -14.84 -12.74 33.55
CA MET A 211 -16.05 -12.70 34.36
C MET A 211 -16.42 -11.23 34.47
N GLY A 212 -17.69 -10.96 34.72
CA GLY A 212 -18.21 -9.60 34.83
C GLY A 212 -18.25 -8.93 33.47
N VAL A 213 -18.31 -7.60 33.48
CA VAL A 213 -18.42 -6.77 32.28
C VAL A 213 -17.51 -5.51 32.38
N PRO A 214 -17.09 -4.83 31.26
CA PRO A 214 -16.26 -3.62 31.42
C PRO A 214 -17.00 -2.53 32.20
N GLU A 215 -16.46 -1.98 33.33
CA GLU A 215 -15.17 -2.05 34.05
C GLU A 215 -14.53 -0.67 33.97
N TYR A 216 -13.64 -0.42 32.98
CA TYR A 216 -13.03 0.89 32.76
C TYR A 216 -13.13 1.26 31.28
N ALA A 217 -13.68 2.46 31.01
CA ALA A 217 -13.90 3.05 29.68
C ALA A 217 -12.65 3.67 29.07
N LEU A 218 -11.67 4.11 29.91
CA LEU A 218 -10.41 4.71 29.49
C LEU A 218 -9.67 3.90 28.43
N PRO A 219 -9.41 2.57 28.59
CA PRO A 219 -8.69 1.83 27.53
C PRO A 219 -9.45 1.75 26.19
N VAL A 220 -10.79 1.66 26.25
CA VAL A 220 -11.68 1.64 25.09
C VAL A 220 -11.63 3.02 24.40
N LEU A 221 -11.58 4.09 25.17
CA LEU A 221 -11.49 5.48 24.69
C LEU A 221 -10.20 5.70 23.92
N THR A 222 -9.08 5.19 24.43
CA THR A 222 -7.77 5.29 23.77
C THR A 222 -7.80 4.48 22.48
N PHE A 223 -8.34 3.24 22.53
CA PHE A 223 -8.49 2.38 21.36
C PHE A 223 -9.31 3.07 20.26
N VAL A 224 -10.52 3.60 20.61
CA VAL A 224 -11.40 4.33 19.68
C VAL A 224 -10.66 5.55 19.06
N ARG A 225 -10.01 6.38 19.89
CA ARG A 225 -9.31 7.58 19.41
C ARG A 225 -8.14 7.28 18.49
N ARG A 226 -7.30 6.30 18.84
CA ARG A 226 -6.12 5.97 18.03
C ARG A 226 -6.51 5.25 16.75
N SER A 227 -7.49 4.34 16.81
CA SER A 227 -7.97 3.62 15.62
C SER A 227 -8.71 4.53 14.67
N SER A 228 -9.49 5.48 15.20
CA SER A 228 -10.20 6.48 14.40
C SER A 228 -9.26 7.50 13.74
N ALA A 229 -8.21 7.96 14.45
CA ALA A 229 -7.22 8.93 13.90
C ALA A 229 -6.39 8.30 12.77
N ALA A 230 -6.33 6.95 12.71
CA ALA A 230 -5.58 6.23 11.67
C ALA A 230 -6.26 6.31 10.30
N ARG A 231 -7.58 6.66 10.26
CA ARG A 231 -8.33 6.78 9.01
C ARG A 231 -7.76 7.94 8.19
N MET A 232 -7.11 7.58 7.09
CA MET A 232 -6.47 8.54 6.22
C MET A 232 -7.41 8.97 5.10
N PRO A 233 -7.26 10.20 4.54
CA PRO A 233 -8.05 10.51 3.35
C PRO A 233 -7.28 9.91 2.16
N GLU A 234 -7.90 9.49 1.06
CA GLU A 234 -9.31 9.36 0.75
C GLU A 234 -9.30 7.87 0.52
N THR A 235 -9.66 7.15 1.57
CA THR A 235 -9.67 5.71 1.60
C THR A 235 -11.12 5.29 1.65
N GLY A 236 -11.33 3.99 1.60
CA GLY A 236 -12.67 3.44 1.73
C GLY A 236 -13.14 3.41 3.17
N PRO A 237 -14.35 2.88 3.39
CA PRO A 237 -14.87 2.81 4.77
C PRO A 237 -14.02 1.94 5.68
N VAL A 238 -14.04 2.27 6.97
CA VAL A 238 -13.35 1.52 8.02
C VAL A 238 -14.18 0.28 8.28
N LEU A 239 -13.57 -0.91 8.17
CA LEU A 239 -14.26 -2.16 8.45
C LEU A 239 -14.22 -2.39 9.96
N VAL A 240 -15.41 -2.61 10.53
CA VAL A 240 -15.61 -2.85 11.95
C VAL A 240 -16.31 -4.19 12.13
N HIS A 241 -15.72 -5.09 12.92
CA HIS A 241 -16.34 -6.37 13.21
C HIS A 241 -16.09 -6.81 14.66
N CYS A 242 -16.96 -7.66 15.18
CA CYS A 242 -16.80 -8.34 16.49
C CYS A 242 -17.14 -9.81 16.16
N SER A 243 -18.13 -10.46 16.80
CA SER A 243 -18.50 -11.81 16.39
C SER A 243 -19.68 -11.73 15.36
N ALA A 244 -20.85 -11.27 15.81
CA ALA A 244 -22.03 -11.11 14.96
C ALA A 244 -21.92 -9.86 14.10
N GLY A 245 -21.07 -8.91 14.51
CA GLY A 245 -20.89 -7.62 13.85
C GLY A 245 -22.01 -6.65 14.19
N VAL A 246 -22.59 -6.77 15.41
CA VAL A 246 -23.72 -5.90 15.83
C VAL A 246 -23.50 -5.17 17.15
N GLY A 247 -23.11 -5.93 18.17
CA GLY A 247 -22.97 -5.47 19.54
C GLY A 247 -21.88 -4.47 19.78
N ARG A 248 -20.64 -4.96 19.92
CA ARG A 248 -19.46 -4.14 20.11
C ARG A 248 -19.19 -3.26 18.90
N THR A 249 -19.55 -3.75 17.67
CA THR A 249 -19.43 -3.04 16.40
C THR A 249 -20.21 -1.75 16.46
N GLY A 250 -21.49 -1.82 16.84
CA GLY A 250 -22.36 -0.66 16.99
C GLY A 250 -21.88 0.26 18.08
N THR A 251 -21.36 -0.34 19.17
CA THR A 251 -20.83 0.37 20.33
C THR A 251 -19.68 1.27 19.93
N TYR A 252 -18.72 0.73 19.14
CA TYR A 252 -17.55 1.44 18.62
C TYR A 252 -18.02 2.56 17.70
N ILE A 253 -18.98 2.26 16.80
CA ILE A 253 -19.52 3.22 15.83
C ILE A 253 -20.18 4.42 16.54
N VAL A 254 -20.98 4.15 17.60
CA VAL A 254 -21.63 5.22 18.35
C VAL A 254 -20.58 6.05 19.10
N ILE A 255 -19.64 5.40 19.82
CA ILE A 255 -18.58 6.13 20.55
C ILE A 255 -17.78 7.01 19.62
N ASP A 256 -17.25 6.43 18.52
CA ASP A 256 -16.44 7.17 17.54
C ASP A 256 -17.16 8.41 16.94
N SER A 257 -18.40 8.22 16.45
CA SER A 257 -19.24 9.26 15.86
C SER A 257 -19.53 10.34 16.88
N MET A 258 -19.91 9.92 18.12
CA MET A 258 -20.19 10.86 19.20
C MET A 258 -18.99 11.65 19.68
N LEU A 259 -17.76 11.06 19.70
CA LEU A 259 -16.55 11.80 20.07
C LEU A 259 -16.28 12.84 19.00
N GLN A 260 -16.60 12.52 17.74
CA GLN A 260 -16.42 13.45 16.62
C GLN A 260 -17.45 14.59 16.68
N GLN A 261 -18.70 14.30 17.10
CA GLN A 261 -19.70 15.35 17.29
C GLN A 261 -19.32 16.28 18.44
N ILE A 262 -18.86 15.73 19.58
CA ILE A 262 -18.41 16.49 20.76
C ILE A 262 -17.28 17.48 20.39
N LYS A 263 -16.26 17.02 19.65
CA LYS A 263 -15.14 17.87 19.23
C LYS A 263 -15.61 18.99 18.30
N ASP A 264 -16.46 18.66 17.33
CA ASP A 264 -17.01 19.57 16.33
C ASP A 264 -18.04 20.59 16.83
N LYS A 265 -19.03 20.14 17.60
CA LYS A 265 -20.14 20.99 18.01
C LYS A 265 -20.40 21.05 19.53
N SER A 266 -19.68 20.27 20.34
CA SER A 266 -19.89 20.14 21.79
C SER A 266 -21.30 19.65 22.13
N THR A 267 -21.87 18.83 21.23
CA THR A 267 -23.20 18.25 21.41
C THR A 267 -23.13 16.75 21.26
N VAL A 268 -24.17 16.06 21.80
CA VAL A 268 -24.30 14.61 21.81
C VAL A 268 -25.70 14.23 21.38
N ASN A 269 -25.83 13.14 20.59
CA ASN A 269 -27.11 12.61 20.15
C ASN A 269 -27.07 11.07 20.07
N VAL A 270 -26.82 10.40 21.20
CA VAL A 270 -26.69 8.94 21.29
C VAL A 270 -27.93 8.20 20.76
N LEU A 271 -29.09 8.51 21.35
CA LEU A 271 -30.38 7.90 21.00
C LEU A 271 -30.74 8.12 19.52
N GLY A 272 -30.62 9.36 19.07
CA GLY A 272 -30.91 9.77 17.72
C GLY A 272 -30.03 9.11 16.68
N PHE A 273 -28.73 9.14 16.90
CA PHE A 273 -27.78 8.53 16.00
C PHE A 273 -27.92 7.01 16.01
N LEU A 274 -28.13 6.40 17.19
CA LEU A 274 -28.32 4.96 17.27
C LEU A 274 -29.58 4.49 16.53
N LYS A 275 -30.72 5.19 16.73
CA LYS A 275 -31.99 4.87 16.05
C LYS A 275 -31.81 4.97 14.51
N HIS A 276 -31.01 5.94 14.04
CA HIS A 276 -30.66 6.09 12.63
C HIS A 276 -29.83 4.90 12.12
N ILE A 277 -28.79 4.50 12.86
CA ILE A 277 -27.93 3.39 12.42
C ILE A 277 -28.60 2.03 12.46
N ARG A 278 -29.67 1.90 13.28
CA ARG A 278 -30.51 0.70 13.36
C ARG A 278 -31.24 0.42 12.05
N THR A 279 -31.39 1.43 11.19
CA THR A 279 -32.02 1.25 9.87
C THR A 279 -30.99 0.62 8.93
N GLN A 280 -29.68 0.79 9.20
CA GLN A 280 -28.56 0.30 8.36
C GLN A 280 -28.08 -1.15 8.59
N ARG A 281 -28.13 -1.63 9.83
CA ARG A 281 -27.80 -3.00 10.21
C ARG A 281 -28.56 -3.28 11.49
N ASN A 282 -29.18 -4.48 11.56
CA ASN A 282 -29.97 -4.93 12.69
C ASN A 282 -29.14 -5.06 13.95
N TYR A 283 -29.77 -4.80 15.10
CA TYR A 283 -29.18 -4.98 16.43
C TYR A 283 -27.89 -4.20 16.78
N LEU A 284 -27.51 -3.15 16.01
CA LEU A 284 -26.32 -2.34 16.35
C LEU A 284 -26.50 -1.83 17.77
N VAL A 285 -25.53 -2.16 18.67
CA VAL A 285 -25.57 -1.91 20.15
C VAL A 285 -26.67 -2.86 20.58
N GLN A 286 -26.27 -4.11 20.77
CA GLN A 286 -27.16 -5.25 20.98
C GLN A 286 -27.75 -5.42 22.38
N THR A 287 -27.06 -4.93 23.41
CA THR A 287 -27.56 -5.04 24.79
C THR A 287 -27.66 -3.67 25.45
N GLU A 288 -28.54 -3.60 26.49
CA GLU A 288 -28.73 -2.43 27.35
C GLU A 288 -27.39 -2.06 28.03
N GLU A 289 -26.60 -3.07 28.40
CA GLU A 289 -25.28 -2.93 29.03
C GLU A 289 -24.33 -2.13 28.11
N GLN A 290 -24.27 -2.51 26.80
CA GLN A 290 -23.48 -1.79 25.78
C GLN A 290 -23.99 -0.35 25.62
N TYR A 291 -25.33 -0.16 25.68
CA TYR A 291 -25.98 1.13 25.58
C TYR A 291 -25.58 2.04 26.75
N ILE A 292 -25.57 1.50 28.01
CA ILE A 292 -25.12 2.25 29.18
C ILE A 292 -23.61 2.50 29.03
N PHE A 293 -22.83 1.48 28.60
CA PHE A 293 -21.38 1.62 28.39
C PHE A 293 -21.02 2.83 27.53
N ILE A 294 -21.76 3.09 26.43
CA ILE A 294 -21.56 4.24 25.53
C ILE A 294 -21.60 5.55 26.33
N HIS A 295 -22.63 5.69 27.19
CA HIS A 295 -22.83 6.87 28.03
C HIS A 295 -21.68 7.05 29.00
N ASP A 296 -21.26 5.96 29.65
CA ASP A 296 -20.11 6.00 30.56
C ASP A 296 -18.83 6.45 29.85
N ALA A 297 -18.56 5.84 28.68
CA ALA A 297 -17.37 6.16 27.87
C ALA A 297 -17.37 7.61 27.40
N LEU A 298 -18.53 8.12 26.95
CA LEU A 298 -18.70 9.50 26.52
C LEU A 298 -18.57 10.50 27.67
N LEU A 299 -19.09 10.15 28.84
CA LEU A 299 -18.96 11.02 30.02
C LEU A 299 -17.47 11.19 30.37
N GLU A 300 -16.69 10.06 30.37
CA GLU A 300 -15.26 10.10 30.66
C GLU A 300 -14.50 10.97 29.64
N ALA A 301 -14.87 10.90 28.35
CA ALA A 301 -14.23 11.70 27.30
C ALA A 301 -14.48 13.19 27.49
N ILE A 302 -15.73 13.57 27.85
CA ILE A 302 -16.18 14.94 28.11
C ILE A 302 -15.39 15.44 29.35
N LEU A 303 -15.25 14.57 30.36
CA LEU A 303 -14.53 14.89 31.60
C LEU A 303 -13.01 14.99 31.39
N GLY A 304 -12.47 14.26 30.41
CA GLY A 304 -11.05 14.29 30.06
C GLY A 304 -10.63 15.64 29.52
N LYS A 305 -10.85 16.70 30.35
CA LYS A 305 -10.57 18.10 30.12
C LYS A 305 -9.72 18.60 31.28
N MET B 7 16.28 -21.80 -12.27
CA MET B 7 16.78 -20.57 -11.65
C MET B 7 18.33 -20.50 -11.55
N GLU B 8 19.01 -21.55 -12.06
CA GLU B 8 20.47 -21.59 -12.18
C GLU B 8 20.75 -21.03 -13.60
N ALA B 9 21.99 -20.61 -13.90
CA ALA B 9 22.32 -20.06 -15.22
C ALA B 9 22.12 -21.09 -16.35
N ILE B 10 21.20 -20.77 -17.26
CA ILE B 10 20.80 -21.61 -18.39
C ILE B 10 21.67 -21.27 -19.63
N PRO B 11 22.15 -22.27 -20.43
CA PRO B 11 22.91 -21.91 -21.65
C PRO B 11 21.99 -21.21 -22.66
N VAL B 12 22.55 -20.27 -23.43
CA VAL B 12 21.85 -19.46 -24.43
C VAL B 12 20.88 -20.25 -25.33
N LYS B 13 21.29 -21.47 -25.75
CA LYS B 13 20.52 -22.39 -26.59
C LYS B 13 19.26 -22.83 -25.84
N GLN B 14 19.42 -23.21 -24.56
CA GLN B 14 18.33 -23.64 -23.70
C GLN B 14 17.43 -22.47 -23.39
N PHE B 15 18.01 -21.25 -23.20
CA PHE B 15 17.25 -20.02 -22.94
C PHE B 15 16.26 -19.76 -24.03
N VAL B 16 16.73 -19.87 -25.29
CA VAL B 16 15.93 -19.72 -26.49
C VAL B 16 14.74 -20.72 -26.45
N LYS B 17 15.01 -21.99 -26.12
CA LYS B 17 13.96 -23.02 -25.97
C LYS B 17 13.03 -22.70 -24.80
N HIS B 18 13.58 -22.15 -23.70
CA HIS B 18 12.82 -21.73 -22.52
C HIS B 18 11.85 -20.57 -22.84
N ILE B 19 12.22 -19.65 -23.77
CA ILE B 19 11.36 -18.54 -24.23
C ILE B 19 10.12 -19.08 -24.93
N GLY B 20 10.30 -20.15 -25.70
CA GLY B 20 9.24 -20.86 -26.40
C GLY B 20 8.22 -21.42 -25.44
N GLU B 21 8.68 -22.11 -24.36
CA GLU B 21 7.82 -22.66 -23.29
C GLU B 21 7.03 -21.52 -22.61
N LEU B 22 7.71 -20.36 -22.33
CA LEU B 22 7.12 -19.18 -21.67
C LEU B 22 6.04 -18.56 -22.53
N TYR B 23 6.28 -18.42 -23.85
CA TYR B 23 5.29 -17.86 -24.78
C TYR B 23 4.12 -18.82 -25.04
N SER B 24 4.41 -20.15 -24.93
CA SER B 24 3.47 -21.27 -25.14
C SER B 24 2.39 -21.29 -24.08
N ASN B 25 1.23 -21.85 -24.45
CA ASN B 25 0.03 -21.97 -23.61
C ASN B 25 -0.47 -20.61 -23.10
N ASN B 26 -0.63 -19.66 -24.05
CA ASN B 26 -1.11 -18.30 -23.81
C ASN B 26 -0.23 -17.52 -22.79
N GLN B 27 1.10 -17.53 -23.03
CA GLN B 27 2.11 -16.82 -22.21
C GLN B 27 1.88 -17.06 -20.70
N HIS B 28 1.47 -18.29 -20.33
CA HIS B 28 1.20 -18.61 -18.95
C HIS B 28 2.43 -18.62 -18.09
N GLY B 29 3.50 -19.20 -18.62
CA GLY B 29 4.80 -19.32 -17.97
C GLY B 29 5.36 -17.96 -17.55
N PHE B 30 5.15 -16.92 -18.39
CA PHE B 30 5.56 -15.53 -18.13
C PHE B 30 4.79 -14.99 -16.92
N SER B 31 3.47 -15.24 -16.84
CA SER B 31 2.59 -14.83 -15.73
C SER B 31 3.05 -15.46 -14.40
N GLU B 32 3.42 -16.73 -14.45
CA GLU B 32 3.87 -17.50 -13.30
C GLU B 32 5.21 -16.97 -12.83
N ASP B 33 6.13 -16.73 -13.78
CA ASP B 33 7.45 -16.13 -13.53
C ASP B 33 7.28 -14.78 -12.84
N PHE B 34 6.44 -13.90 -13.41
CA PHE B 34 6.22 -12.56 -12.88
C PHE B 34 5.54 -12.52 -11.51
N GLU B 35 4.63 -13.49 -11.23
CA GLU B 35 3.99 -13.57 -9.93
C GLU B 35 5.02 -14.02 -8.90
N GLU B 36 5.89 -14.91 -9.32
CA GLU B 36 6.98 -15.41 -8.49
C GLU B 36 7.94 -14.25 -8.11
N VAL B 37 8.20 -13.32 -9.06
CA VAL B 37 9.02 -12.11 -8.86
C VAL B 37 8.26 -11.18 -7.91
N GLN B 38 6.95 -10.96 -8.15
CA GLN B 38 6.11 -10.08 -7.31
C GLN B 38 6.07 -10.52 -5.83
N ARG B 39 6.22 -11.83 -5.59
CA ARG B 39 6.12 -12.47 -4.29
C ARG B 39 7.44 -12.80 -3.59
N CYS B 40 8.57 -12.84 -4.34
CA CYS B 40 9.86 -13.25 -3.79
C CYS B 40 10.37 -12.60 -2.51
N THR B 41 10.03 -11.32 -2.25
CA THR B 41 10.48 -10.59 -1.07
C THR B 41 9.40 -10.38 0.00
N ALA B 42 8.16 -10.89 -0.27
CA ALA B 42 6.99 -10.72 0.62
C ALA B 42 7.28 -11.03 2.10
N ASP B 43 7.97 -12.15 2.37
CA ASP B 43 8.30 -12.59 3.74
C ASP B 43 9.65 -12.11 4.30
N MET B 44 10.45 -11.40 3.50
CA MET B 44 11.76 -10.90 3.90
C MET B 44 11.73 -9.72 4.87
N ASN B 45 10.59 -9.07 5.00
CA ASN B 45 10.38 -7.89 5.84
C ASN B 45 11.45 -6.84 5.66
N ILE B 46 11.62 -6.40 4.41
CA ILE B 46 12.61 -5.39 4.06
C ILE B 46 12.06 -4.02 4.44
N THR B 47 12.78 -3.32 5.31
CA THR B 47 12.36 -2.00 5.78
C THR B 47 12.77 -0.85 4.88
N ALA B 48 11.95 0.21 4.88
CA ALA B 48 12.10 1.49 4.18
C ALA B 48 11.65 2.62 5.14
N GLU B 49 12.24 2.63 6.35
CA GLU B 49 11.93 3.58 7.44
C GLU B 49 12.21 5.05 7.05
N HIS B 50 13.43 5.35 6.57
CA HIS B 50 13.83 6.70 6.14
C HIS B 50 12.91 7.27 5.06
N SER B 51 12.44 6.40 4.12
CA SER B 51 11.52 6.74 3.05
C SER B 51 10.18 7.24 3.59
N ASN B 52 9.67 6.61 4.66
CA ASN B 52 8.38 6.93 5.29
C ASN B 52 8.44 8.00 6.39
N HIS B 53 9.63 8.48 6.71
CA HIS B 53 9.76 9.52 7.73
C HIS B 53 9.13 10.83 7.20
N PRO B 54 8.27 11.53 8.02
CA PRO B 54 7.62 12.77 7.56
C PRO B 54 8.53 13.85 6.98
N GLU B 55 9.79 13.93 7.46
CA GLU B 55 10.81 14.86 6.98
C GLU B 55 11.13 14.62 5.48
N ASN B 56 11.02 13.33 5.05
CA ASN B 56 11.35 12.86 3.71
C ASN B 56 10.19 12.63 2.74
N LYS B 57 8.93 12.81 3.17
CA LYS B 57 7.74 12.56 2.32
C LYS B 57 7.66 13.34 1.00
N HIS B 58 8.09 14.62 1.00
CA HIS B 58 8.12 15.50 -0.19
C HIS B 58 9.30 15.16 -1.14
N LYS B 59 10.23 14.31 -0.64
CA LYS B 59 11.43 13.84 -1.36
C LYS B 59 11.13 12.59 -2.21
N ASN B 60 9.92 12.00 -2.07
CA ASN B 60 9.45 10.84 -2.81
C ASN B 60 8.47 11.27 -3.89
N ARG B 61 8.73 10.85 -5.14
CA ARG B 61 7.87 11.14 -6.28
C ARG B 61 6.49 10.43 -6.16
N TYR B 62 6.48 9.17 -5.67
CA TYR B 62 5.28 8.37 -5.42
C TYR B 62 5.34 7.87 -3.98
N ILE B 63 4.22 7.97 -3.23
CA ILE B 63 4.10 7.56 -1.81
C ILE B 63 4.50 6.11 -1.56
N ASN B 64 4.16 5.24 -2.52
CA ASN B 64 4.37 3.79 -2.45
C ASN B 64 5.72 3.33 -3.01
N ILE B 65 6.48 4.23 -3.66
CA ILE B 65 7.79 3.88 -4.23
C ILE B 65 8.86 4.31 -3.27
N LEU B 66 9.31 3.33 -2.50
CA LEU B 66 10.27 3.52 -1.42
C LEU B 66 11.70 3.04 -1.76
N ALA B 67 12.64 3.43 -0.90
CA ALA B 67 14.06 3.10 -1.01
C ALA B 67 14.44 2.27 0.22
N TYR B 68 14.63 0.95 0.06
CA TYR B 68 14.99 0.02 1.15
C TYR B 68 16.16 0.52 1.93
N ASP B 69 16.08 0.47 3.27
CA ASP B 69 17.10 0.97 4.19
C ASP B 69 18.46 0.42 3.94
N HIS B 70 18.56 -0.91 3.85
CA HIS B 70 19.82 -1.65 3.71
C HIS B 70 20.63 -1.34 2.45
N SER B 71 19.98 -0.84 1.40
CA SER B 71 20.64 -0.63 0.10
C SER B 71 20.57 0.83 -0.36
N ARG B 72 19.87 1.69 0.38
CA ARG B 72 19.73 3.10 0.01
C ARG B 72 21.06 3.83 -0.07
N VAL B 73 21.12 4.82 -0.97
CA VAL B 73 22.29 5.64 -1.13
C VAL B 73 22.15 6.74 -0.09
N LYS B 74 23.14 6.85 0.80
CA LYS B 74 23.09 7.87 1.83
C LYS B 74 23.94 9.06 1.41
N LEU B 75 23.34 10.26 1.43
CA LEU B 75 24.04 11.51 1.17
C LEU B 75 24.91 11.78 2.39
N ARG B 76 26.14 12.25 2.16
CA ARG B 76 27.09 12.52 3.22
C ARG B 76 26.66 13.69 4.09
N PRO B 77 27.03 13.60 5.40
CA PRO B 77 26.69 14.68 6.34
C PRO B 77 27.37 15.99 5.99
N LEU B 78 26.56 17.03 5.90
CA LEU B 78 26.97 18.39 5.58
C LEU B 78 26.48 19.34 6.71
N PRO B 79 27.31 20.34 7.11
CA PRO B 79 26.92 21.28 8.18
C PRO B 79 25.43 21.63 8.31
N GLY B 80 24.89 21.37 9.50
CA GLY B 80 23.50 21.63 9.86
C GLY B 80 23.21 21.39 11.33
N SER B 83 22.42 18.57 8.81
CA SER B 83 21.03 18.79 9.21
C SER B 83 20.29 17.50 9.65
N LYS B 84 18.93 17.54 9.80
CA LYS B 84 18.08 16.44 10.25
C LYS B 84 18.10 15.15 9.41
N HIS B 85 17.20 15.01 8.41
CA HIS B 85 17.13 13.84 7.52
C HIS B 85 17.73 14.20 6.14
N SER B 86 18.91 14.86 6.19
CA SER B 86 19.67 15.40 5.06
C SER B 86 20.46 14.33 4.27
N ASP B 87 20.52 13.11 4.80
CA ASP B 87 21.21 11.97 4.16
C ASP B 87 20.29 11.22 3.15
N TYR B 88 18.99 11.54 3.16
CA TYR B 88 17.99 10.87 2.34
C TYR B 88 17.82 11.29 0.88
N ILE B 89 17.82 10.26 0.02
CA ILE B 89 17.51 10.31 -1.40
C ILE B 89 16.79 8.99 -1.75
N ASN B 90 15.73 9.06 -2.57
CA ASN B 90 15.02 7.85 -2.98
C ASN B 90 15.86 7.23 -4.09
N ALA B 91 16.89 6.46 -3.68
CA ALA B 91 17.88 5.83 -4.53
C ALA B 91 18.41 4.61 -3.82
N ASN B 92 18.72 3.55 -4.59
CA ASN B 92 19.26 2.32 -4.05
C ASN B 92 20.41 1.83 -4.89
N TYR B 93 21.40 1.20 -4.26
CA TYR B 93 22.49 0.54 -4.95
C TYR B 93 21.88 -0.77 -5.51
N VAL B 94 22.26 -1.16 -6.74
CA VAL B 94 21.71 -2.37 -7.36
C VAL B 94 22.86 -3.06 -8.01
N ASP B 95 22.94 -4.38 -7.84
CA ASP B 95 24.02 -5.17 -8.42
C ASP B 95 23.87 -5.30 -9.92
N GLY B 96 25.01 -5.52 -10.55
CA GLY B 96 25.14 -5.80 -11.97
C GLY B 96 25.80 -7.13 -12.11
N TYR B 97 26.16 -7.49 -13.34
CA TYR B 97 26.85 -8.74 -13.62
C TYR B 97 28.27 -8.71 -13.06
N ASN B 98 28.58 -9.66 -12.15
CA ASN B 98 29.89 -9.80 -11.48
C ASN B 98 30.35 -8.51 -10.77
N LYS B 99 29.41 -7.61 -10.47
CA LYS B 99 29.72 -6.35 -9.84
C LYS B 99 28.60 -5.92 -8.92
N ALA B 100 28.86 -5.99 -7.63
CA ALA B 100 27.95 -5.54 -6.61
C ALA B 100 27.88 -4.03 -6.72
N LYS B 101 26.70 -3.44 -6.46
CA LYS B 101 26.50 -1.97 -6.47
C LYS B 101 26.98 -1.31 -7.78
N ALA B 102 26.73 -1.98 -8.93
CA ALA B 102 27.09 -1.50 -10.26
C ALA B 102 26.23 -0.32 -10.69
N TYR B 103 25.08 -0.17 -10.05
CA TYR B 103 24.14 0.90 -10.35
C TYR B 103 23.61 1.56 -9.11
N ILE B 104 23.04 2.75 -9.34
CA ILE B 104 22.21 3.50 -8.43
C ILE B 104 20.88 3.58 -9.20
N ALA B 105 19.85 2.93 -8.68
CA ALA B 105 18.50 2.96 -9.26
C ALA B 105 17.76 4.04 -8.47
N THR B 106 17.27 5.06 -9.17
CA THR B 106 16.63 6.19 -8.51
C THR B 106 15.43 6.74 -9.27
N GLN B 107 14.59 7.50 -8.59
CA GLN B 107 13.44 8.14 -9.24
C GLN B 107 13.92 9.32 -10.10
N GLY B 108 13.05 9.77 -11.00
CA GLY B 108 13.31 10.98 -11.75
C GLY B 108 13.27 12.10 -10.72
N PRO B 109 14.36 12.90 -10.56
CA PRO B 109 14.35 13.91 -9.49
C PRO B 109 13.25 14.96 -9.58
N LEU B 110 12.89 15.50 -8.42
CA LEU B 110 11.92 16.58 -8.26
C LEU B 110 12.71 17.89 -8.14
N LYS B 111 12.06 19.04 -8.42
CA LYS B 111 12.69 20.35 -8.27
C LYS B 111 13.27 20.49 -6.84
N SER B 112 12.53 19.94 -5.83
CA SER B 112 12.94 19.92 -4.43
C SER B 112 14.11 18.97 -4.14
N THR B 113 14.49 18.07 -5.09
CA THR B 113 15.58 17.10 -4.90
C THR B 113 16.73 17.24 -5.90
N PHE B 114 16.73 18.28 -6.77
CA PHE B 114 17.81 18.52 -7.76
C PHE B 114 19.19 18.59 -7.14
N GLU B 115 19.32 19.25 -6.00
CA GLU B 115 20.56 19.43 -5.24
C GLU B 115 21.06 18.10 -4.70
N ASP B 116 20.15 17.31 -4.10
CA ASP B 116 20.42 15.98 -3.55
C ASP B 116 20.88 15.04 -4.65
N PHE B 117 20.21 15.13 -5.81
CA PHE B 117 20.50 14.32 -7.00
C PHE B 117 21.92 14.56 -7.51
N TRP B 118 22.29 15.84 -7.72
CA TRP B 118 23.62 16.23 -8.18
C TRP B 118 24.71 16.00 -7.15
N ARG B 119 24.37 16.18 -5.84
CA ARG B 119 25.30 15.91 -4.73
C ARG B 119 25.63 14.44 -4.68
N MET B 120 24.59 13.56 -4.83
CA MET B 120 24.76 12.10 -4.87
C MET B 120 25.68 11.74 -6.03
N ILE B 121 25.45 12.31 -7.22
CA ILE B 121 26.32 12.07 -8.38
C ILE B 121 27.77 12.43 -8.04
N TRP B 122 27.99 13.64 -7.46
CA TRP B 122 29.31 14.08 -7.04
C TRP B 122 29.92 13.13 -6.03
N GLU B 123 29.21 12.88 -4.92
CA GLU B 123 29.69 12.02 -3.82
C GLU B 123 29.92 10.57 -4.22
N GLN B 124 29.10 10.05 -5.13
CA GLN B 124 29.25 8.66 -5.57
C GLN B 124 30.26 8.49 -6.70
N ASN B 125 30.82 9.61 -7.23
CA ASN B 125 31.77 9.61 -8.36
C ASN B 125 31.14 8.95 -9.62
N THR B 126 29.81 9.19 -9.80
CA THR B 126 29.06 8.68 -10.94
C THR B 126 29.49 9.43 -12.20
N GLY B 127 29.78 8.70 -13.29
CA GLY B 127 30.13 9.32 -14.56
C GLY B 127 29.07 9.20 -15.63
N ILE B 128 28.07 8.32 -15.41
CA ILE B 128 27.02 8.05 -16.41
C ILE B 128 25.65 8.15 -15.82
N ILE B 129 24.74 8.81 -16.54
CA ILE B 129 23.33 8.87 -16.18
C ILE B 129 22.56 8.18 -17.30
N ILE B 130 21.66 7.24 -16.92
CA ILE B 130 20.76 6.59 -17.85
C ILE B 130 19.37 7.13 -17.51
N MET B 131 18.80 7.91 -18.45
CA MET B 131 17.46 8.49 -18.32
C MET B 131 16.51 7.72 -19.27
N ILE B 132 15.57 6.98 -18.70
CA ILE B 132 14.66 6.14 -19.51
C ILE B 132 13.21 6.63 -19.39
N THR B 133 13.02 7.89 -19.76
CA THR B 133 11.72 8.55 -19.69
C THR B 133 11.81 9.86 -20.41
N ASN B 134 10.66 10.40 -20.79
CA ASN B 134 10.58 11.77 -21.28
C ASN B 134 10.03 12.55 -20.10
N LEU B 135 10.28 13.87 -20.05
CA LEU B 135 9.82 14.71 -18.95
C LEU B 135 8.31 14.62 -18.75
N VAL B 136 7.57 14.56 -19.87
CA VAL B 136 6.10 14.44 -19.92
C VAL B 136 5.81 13.30 -20.91
N GLU B 137 4.88 12.40 -20.55
CA GLU B 137 4.44 11.26 -21.39
C GLU B 137 2.94 11.14 -21.22
N LYS B 138 2.20 11.04 -22.34
CA LYS B 138 0.73 10.90 -22.40
C LYS B 138 0.01 11.99 -21.57
N GLY B 139 0.59 13.20 -21.61
CA GLY B 139 0.11 14.38 -20.89
C GLY B 139 0.42 14.42 -19.39
N ARG B 140 1.06 13.37 -18.84
CA ARG B 140 1.39 13.31 -17.42
C ARG B 140 2.87 13.62 -17.16
N ARG B 141 3.17 14.42 -16.12
CA ARG B 141 4.55 14.77 -15.72
C ARG B 141 5.24 13.53 -15.14
N LYS B 142 6.31 13.07 -15.82
CA LYS B 142 7.06 11.88 -15.44
C LYS B 142 8.35 12.19 -14.69
N CYS B 143 9.06 13.25 -15.11
CA CYS B 143 10.33 13.68 -14.54
C CYS B 143 10.43 15.19 -14.71
N ASP B 144 11.23 15.85 -13.85
CA ASP B 144 11.50 17.30 -13.95
C ASP B 144 12.87 17.46 -14.57
N GLN B 145 13.08 18.55 -15.35
CA GLN B 145 14.38 18.80 -15.98
C GLN B 145 15.45 19.24 -14.98
N TYR B 146 16.33 18.32 -14.61
CA TYR B 146 17.39 18.50 -13.62
C TYR B 146 18.69 18.99 -14.23
N TRP B 147 18.69 19.27 -15.53
CA TRP B 147 19.90 19.71 -16.23
C TRP B 147 19.66 21.02 -17.02
N PRO B 148 20.72 21.84 -17.29
CA PRO B 148 20.51 23.09 -18.05
C PRO B 148 20.20 22.84 -19.52
N THR B 149 19.20 23.56 -20.08
CA THR B 149 18.78 23.48 -21.50
C THR B 149 19.98 23.82 -22.37
N GLU B 150 20.74 24.81 -21.90
CA GLU B 150 21.95 25.31 -22.50
C GLU B 150 22.79 25.93 -21.41
N ASN B 151 24.11 25.96 -21.64
CA ASN B 151 25.09 26.59 -20.75
C ASN B 151 25.17 25.98 -19.35
N THR B 152 25.19 26.85 -18.32
CA THR B 152 25.40 26.48 -16.93
C THR B 152 24.21 26.74 -16.01
N GLU B 153 24.09 25.88 -14.99
CA GLU B 153 23.13 25.96 -13.92
C GLU B 153 23.79 25.41 -12.65
N GLU B 154 23.43 25.99 -11.49
CA GLU B 154 23.97 25.60 -10.19
C GLU B 154 22.88 24.88 -9.45
N TYR B 155 23.22 23.74 -8.81
CA TYR B 155 22.30 22.93 -8.00
C TYR B 155 23.02 22.71 -6.69
N GLY B 156 22.82 23.65 -5.76
CA GLY B 156 23.50 23.66 -4.47
C GLY B 156 24.96 23.95 -4.70
N ASN B 157 25.84 23.13 -4.13
CA ASN B 157 27.28 23.27 -4.31
C ASN B 157 27.80 22.68 -5.63
N ILE B 158 26.90 22.09 -6.42
CA ILE B 158 27.24 21.49 -7.72
C ILE B 158 26.88 22.43 -8.86
N ILE B 159 27.89 22.76 -9.67
CA ILE B 159 27.80 23.61 -10.86
C ILE B 159 27.83 22.68 -12.08
N VAL B 160 26.79 22.77 -12.93
CA VAL B 160 26.60 21.88 -14.07
C VAL B 160 26.59 22.65 -15.38
N THR B 161 27.46 22.26 -16.31
CA THR B 161 27.56 22.89 -17.63
C THR B 161 27.30 21.87 -18.75
N LEU B 162 26.42 22.21 -19.69
CA LEU B 162 26.17 21.37 -20.85
C LEU B 162 27.28 21.65 -21.86
N LYS B 163 28.08 20.65 -22.17
CA LYS B 163 29.19 20.77 -23.11
C LYS B 163 28.87 20.37 -24.54
N SER B 164 28.09 19.26 -24.77
CA SER B 164 27.70 18.77 -26.10
C SER B 164 26.46 17.87 -26.09
N THR B 165 25.59 18.03 -27.10
CA THR B 165 24.36 17.27 -27.31
C THR B 165 24.49 16.58 -28.66
N LYS B 166 24.18 15.28 -28.69
CA LYS B 166 24.17 14.48 -29.90
C LYS B 166 22.80 13.80 -29.92
N ILE B 167 21.96 14.15 -30.91
CA ILE B 167 20.63 13.58 -31.04
C ILE B 167 20.64 12.43 -32.02
N HIS B 168 20.17 11.24 -31.59
CA HIS B 168 20.03 10.06 -32.44
C HIS B 168 18.54 9.80 -32.58
N ALA B 169 18.15 8.89 -33.50
CA ALA B 169 16.74 8.56 -33.75
C ALA B 169 15.94 8.19 -32.49
N CYS B 170 16.55 7.37 -31.60
CA CYS B 170 15.84 6.91 -30.40
C CYS B 170 16.36 7.42 -29.06
N TYR B 171 17.53 8.07 -29.07
CA TYR B 171 18.11 8.56 -27.82
C TYR B 171 19.04 9.73 -28.02
N THR B 172 19.23 10.51 -26.95
CA THR B 172 20.10 11.68 -26.92
C THR B 172 21.25 11.46 -25.92
N VAL B 173 22.45 11.91 -26.30
CA VAL B 173 23.65 11.89 -25.48
C VAL B 173 24.01 13.34 -25.18
N ARG B 174 24.00 13.70 -23.89
CA ARG B 174 24.36 15.01 -23.40
C ARG B 174 25.61 14.82 -22.55
N ARG B 175 26.69 15.52 -22.91
CA ARG B 175 27.94 15.50 -22.17
C ARG B 175 27.95 16.76 -21.29
N PHE B 176 28.17 16.59 -19.96
CA PHE B 176 28.18 17.66 -18.97
C PHE B 176 29.54 17.74 -18.31
N SER B 177 29.83 18.92 -17.76
CA SER B 177 31.02 19.17 -16.99
C SER B 177 30.48 19.59 -15.63
N ILE B 178 30.73 18.79 -14.59
CA ILE B 178 30.24 19.14 -13.26
C ILE B 178 31.35 19.62 -12.37
N ARG B 179 31.02 20.53 -11.43
CA ARG B 179 32.00 21.11 -10.51
C ARG B 179 31.46 21.28 -9.11
N ASN B 180 32.24 20.86 -8.10
CA ASN B 180 31.90 21.04 -6.70
C ASN B 180 32.64 22.28 -6.16
N THR B 181 31.87 23.28 -5.70
CA THR B 181 32.32 24.58 -5.18
C THR B 181 33.04 24.52 -3.83
N LYS B 182 32.68 23.56 -2.98
CA LYS B 182 33.27 23.41 -1.65
C LYS B 182 34.53 22.53 -1.59
N VAL B 183 35.15 22.28 -2.78
CA VAL B 183 36.38 21.49 -2.95
C VAL B 183 37.58 22.43 -3.18
N LYS B 184 38.63 22.26 -2.34
CA LYS B 184 39.87 23.05 -2.33
C LYS B 184 40.91 22.43 -3.29
N GLN B 195 40.81 18.69 -10.75
CA GLN B 195 40.79 18.53 -9.29
C GLN B 195 39.34 18.54 -8.79
N ASN B 196 38.52 19.53 -9.24
CA ASN B 196 37.10 19.63 -8.86
C ASN B 196 36.09 19.57 -10.04
N GLU B 197 36.57 19.31 -11.28
CA GLU B 197 35.70 19.20 -12.45
C GLU B 197 35.61 17.77 -13.03
N ARG B 198 34.39 17.29 -13.28
CA ARG B 198 34.21 15.94 -13.79
C ARG B 198 33.30 15.87 -15.00
N VAL B 199 33.53 14.88 -15.87
CA VAL B 199 32.67 14.59 -17.03
C VAL B 199 31.53 13.66 -16.56
N VAL B 200 30.28 14.04 -16.84
CA VAL B 200 29.11 13.22 -16.58
C VAL B 200 28.43 13.09 -17.94
N ILE B 201 28.22 11.86 -18.43
CA ILE B 201 27.55 11.64 -19.69
C ILE B 201 26.13 11.12 -19.42
N GLN B 202 25.13 11.77 -20.00
CA GLN B 202 23.75 11.39 -19.87
C GLN B 202 23.26 10.73 -21.17
N TYR B 203 22.78 9.47 -21.07
CA TYR B 203 22.18 8.70 -22.15
C TYR B 203 20.69 8.74 -21.92
N HIS B 204 19.99 9.49 -22.74
CA HIS B 204 18.55 9.73 -22.58
C HIS B 204 17.73 9.05 -23.68
N TYR B 205 16.93 8.02 -23.31
CA TYR B 205 16.05 7.32 -24.25
C TYR B 205 14.78 8.14 -24.44
N THR B 206 14.54 8.58 -25.68
CA THR B 206 13.48 9.52 -26.06
C THR B 206 12.28 8.91 -26.80
N GLN B 207 12.40 7.71 -27.39
CA GLN B 207 11.32 7.13 -28.19
C GLN B 207 10.23 6.42 -27.37
N TRP B 208 9.18 7.17 -26.99
CA TRP B 208 8.05 6.65 -26.22
C TRP B 208 6.71 6.85 -26.97
N PRO B 209 6.12 5.82 -27.62
CA PRO B 209 4.84 6.05 -28.33
C PRO B 209 3.72 6.53 -27.41
N ASP B 210 3.14 7.70 -27.74
CA ASP B 210 2.05 8.35 -27.00
C ASP B 210 0.74 7.54 -27.13
N MET B 211 0.83 6.36 -27.79
CA MET B 211 -0.21 5.39 -28.04
C MET B 211 0.49 4.06 -28.43
N GLY B 212 0.31 3.04 -27.59
CA GLY B 212 0.90 1.71 -27.76
C GLY B 212 2.05 1.43 -26.81
N VAL B 213 2.57 0.17 -26.80
CA VAL B 213 3.71 -0.26 -25.95
C VAL B 213 5.04 -0.26 -26.72
N PRO B 214 6.13 0.38 -26.19
CA PRO B 214 7.40 0.44 -26.94
C PRO B 214 8.19 -0.88 -26.97
N GLU B 215 8.24 -1.64 -28.11
CA GLU B 215 7.63 -1.59 -29.46
C GLU B 215 8.48 -2.48 -30.37
N TYR B 216 9.78 -2.11 -30.49
CA TYR B 216 10.84 -2.80 -31.20
C TYR B 216 12.00 -2.86 -30.21
N ALA B 217 12.70 -4.00 -30.12
CA ALA B 217 13.80 -4.18 -29.16
C ALA B 217 15.16 -3.69 -29.66
N LEU B 218 15.38 -3.69 -30.98
CA LEU B 218 16.62 -3.26 -31.63
C LEU B 218 17.12 -1.87 -31.16
N PRO B 219 16.28 -0.78 -31.16
CA PRO B 219 16.79 0.53 -30.70
C PRO B 219 17.18 0.55 -29.21
N VAL B 220 16.45 -0.22 -28.37
CA VAL B 220 16.72 -0.36 -26.93
C VAL B 220 18.06 -1.13 -26.75
N LEU B 221 18.30 -2.14 -27.58
CA LEU B 221 19.52 -2.95 -27.57
C LEU B 221 20.75 -2.11 -27.86
N THR B 222 20.64 -1.20 -28.85
CA THR B 222 21.72 -0.30 -29.23
C THR B 222 21.95 0.68 -28.09
N PHE B 223 20.86 1.25 -27.53
CA PHE B 223 20.93 2.16 -26.39
C PHE B 223 21.66 1.53 -25.20
N VAL B 224 21.23 0.30 -24.79
CA VAL B 224 21.84 -0.45 -23.68
C VAL B 224 23.34 -0.70 -23.94
N ARG B 225 23.69 -1.19 -25.13
CA ARG B 225 25.08 -1.51 -25.49
C ARG B 225 26.01 -0.30 -25.48
N ARG B 226 25.56 0.80 -26.10
CA ARG B 226 26.38 2.01 -26.19
C ARG B 226 26.51 2.71 -24.85
N SER B 227 25.37 2.86 -24.10
CA SER B 227 25.35 3.48 -22.77
C SER B 227 26.16 2.67 -21.77
N SER B 228 26.13 1.32 -21.85
CA SER B 228 26.92 0.41 -20.98
C SER B 228 28.41 0.42 -21.28
N ALA B 229 28.80 0.48 -22.58
CA ALA B 229 30.22 0.51 -23.01
C ALA B 229 30.91 1.79 -22.54
N ALA B 230 30.14 2.87 -22.30
CA ALA B 230 30.62 4.16 -21.84
C ALA B 230 31.14 4.12 -20.39
N ARG B 231 30.75 3.10 -19.58
CA ARG B 231 31.21 2.93 -18.18
C ARG B 231 32.70 2.67 -18.18
N MET B 232 33.46 3.65 -17.70
CA MET B 232 34.91 3.56 -17.67
C MET B 232 35.39 3.05 -16.32
N PRO B 233 36.56 2.38 -16.23
CA PRO B 233 37.08 2.06 -14.89
C PRO B 233 37.80 3.34 -14.41
N GLU B 234 37.88 3.65 -13.13
CA GLU B 234 37.29 3.05 -11.95
C GLU B 234 36.48 4.23 -11.50
N THR B 235 35.23 4.20 -11.91
CA THR B 235 34.27 5.25 -11.64
C THR B 235 33.27 4.68 -10.67
N GLY B 236 32.36 5.51 -10.22
CA GLY B 236 31.29 5.09 -9.35
C GLY B 236 30.19 4.38 -10.13
N PRO B 237 29.12 3.99 -9.39
CA PRO B 237 28.02 3.31 -10.05
C PRO B 237 27.32 4.15 -11.12
N VAL B 238 26.76 3.47 -12.12
CA VAL B 238 26.01 4.12 -13.19
C VAL B 238 24.64 4.46 -12.60
N LEU B 239 24.24 5.73 -12.69
CA LEU B 239 22.93 6.16 -12.20
C LEU B 239 21.91 5.85 -13.29
N VAL B 240 20.85 5.12 -12.89
CA VAL B 240 19.75 4.75 -13.79
C VAL B 240 18.45 5.25 -13.19
N HIS B 241 17.67 6.00 -13.97
CA HIS B 241 16.37 6.48 -13.52
C HIS B 241 15.35 6.51 -14.67
N CYS B 242 14.07 6.44 -14.32
CA CYS B 242 12.96 6.63 -15.25
C CYS B 242 12.02 7.62 -14.49
N SER B 243 10.76 7.30 -14.20
CA SER B 243 9.95 8.22 -13.39
C SER B 243 10.05 7.78 -11.91
N ALA B 244 9.50 6.60 -11.58
CA ALA B 244 9.56 6.04 -10.21
C ALA B 244 10.93 5.44 -9.91
N GLY B 245 11.71 5.14 -10.94
CA GLY B 245 13.02 4.50 -10.84
C GLY B 245 12.90 3.01 -10.57
N VAL B 246 11.81 2.36 -11.06
CA VAL B 246 11.58 0.91 -10.85
C VAL B 246 11.37 0.06 -12.11
N GLY B 247 10.41 0.46 -12.95
CA GLY B 247 10.01 -0.26 -14.15
C GLY B 247 11.07 -0.36 -15.22
N ARG B 248 11.24 0.71 -16.01
CA ARG B 248 12.23 0.79 -17.07
C ARG B 248 13.64 0.71 -16.54
N THR B 249 13.87 1.23 -15.31
CA THR B 249 15.15 1.20 -14.57
C THR B 249 15.59 -0.24 -14.39
N GLY B 250 14.71 -1.07 -13.82
CA GLY B 250 14.97 -2.49 -13.61
C GLY B 250 15.13 -3.23 -14.92
N THR B 251 14.35 -2.84 -15.93
CA THR B 251 14.36 -3.41 -17.28
C THR B 251 15.75 -3.24 -17.90
N TYR B 252 16.30 -2.02 -17.84
CA TYR B 252 17.63 -1.66 -18.33
C TYR B 252 18.69 -2.47 -17.58
N ILE B 253 18.56 -2.53 -16.23
CA ILE B 253 19.51 -3.25 -15.37
C ILE B 253 19.55 -4.75 -15.71
N VAL B 254 18.38 -5.38 -15.92
CA VAL B 254 18.32 -6.80 -16.30
C VAL B 254 18.92 -7.00 -17.69
N ILE B 255 18.52 -6.21 -18.70
CA ILE B 255 19.06 -6.34 -20.07
C ILE B 255 20.56 -6.19 -20.08
N ASP B 256 21.08 -5.11 -19.48
CA ASP B 256 22.54 -4.85 -19.41
C ASP B 256 23.34 -5.98 -18.77
N SER B 257 22.94 -6.42 -17.57
CA SER B 257 23.57 -7.51 -16.82
C SER B 257 23.54 -8.80 -17.61
N MET B 258 22.36 -9.11 -18.21
CA MET B 258 22.21 -10.32 -19.01
C MET B 258 23.00 -10.32 -20.31
N LEU B 259 23.15 -9.17 -20.99
CA LEU B 259 23.98 -9.09 -22.19
C LEU B 259 25.43 -9.30 -21.80
N GLN B 260 25.83 -8.85 -20.61
CA GLN B 260 27.18 -9.05 -20.08
C GLN B 260 27.42 -10.51 -19.71
N GLN B 261 26.41 -11.21 -19.15
CA GLN B 261 26.53 -12.63 -18.86
C GLN B 261 26.67 -13.44 -20.15
N ILE B 262 25.82 -13.16 -21.16
CA ILE B 262 25.84 -13.81 -22.48
C ILE B 262 27.24 -13.71 -23.14
N LYS B 263 27.84 -12.50 -23.17
CA LYS B 263 29.16 -12.29 -23.75
C LYS B 263 30.25 -13.10 -23.00
N ASP B 264 30.21 -13.05 -21.66
CA ASP B 264 31.18 -13.70 -20.77
C ASP B 264 31.06 -15.22 -20.68
N LYS B 265 29.85 -15.76 -20.51
CA LYS B 265 29.68 -17.20 -20.28
C LYS B 265 28.69 -17.89 -21.21
N SER B 266 28.01 -17.14 -22.11
CA SER B 266 26.98 -17.66 -23.00
C SER B 266 25.80 -18.28 -22.22
N THR B 267 25.54 -17.73 -21.03
CA THR B 267 24.44 -18.18 -20.17
C THR B 267 23.55 -17.00 -19.80
N VAL B 268 22.30 -17.31 -19.39
CA VAL B 268 21.27 -16.34 -19.01
C VAL B 268 20.62 -16.78 -17.71
N ASN B 269 20.25 -15.82 -16.86
CA ASN B 269 19.56 -16.06 -15.59
C ASN B 269 18.62 -14.89 -15.25
N VAL B 270 17.63 -14.61 -16.12
CA VAL B 270 16.68 -13.50 -15.98
C VAL B 270 15.90 -13.56 -14.65
N LEU B 271 15.22 -14.69 -14.38
CA LEU B 271 14.40 -14.90 -13.18
C LEU B 271 15.23 -14.78 -11.93
N GLY B 272 16.35 -15.49 -11.91
CA GLY B 272 17.30 -15.51 -10.80
C GLY B 272 17.87 -14.15 -10.47
N PHE B 273 18.37 -13.45 -11.50
CA PHE B 273 18.96 -12.13 -11.30
C PHE B 273 17.89 -11.12 -10.91
N LEU B 274 16.69 -11.20 -11.52
CA LEU B 274 15.62 -10.28 -11.17
C LEU B 274 15.15 -10.46 -9.70
N LYS B 275 14.95 -11.73 -9.26
CA LYS B 275 14.55 -12.05 -7.88
C LYS B 275 15.60 -11.51 -6.90
N HIS B 276 16.87 -11.59 -7.26
CA HIS B 276 17.97 -11.06 -6.45
C HIS B 276 17.90 -9.52 -6.36
N ILE B 277 17.69 -8.84 -7.49
CA ILE B 277 17.65 -7.36 -7.47
C ILE B 277 16.42 -6.79 -6.78
N ARG B 278 15.34 -7.59 -6.71
CA ARG B 278 14.11 -7.24 -5.99
C ARG B 278 14.35 -7.07 -4.48
N THR B 279 15.43 -7.64 -3.94
CA THR B 279 15.81 -7.45 -2.53
C THR B 279 16.46 -6.06 -2.37
N GLN B 280 17.01 -5.48 -3.45
CA GLN B 280 17.74 -4.19 -3.43
C GLN B 280 16.89 -2.92 -3.62
N ARG B 281 15.81 -2.98 -4.42
CA ARG B 281 14.87 -1.89 -4.63
C ARG B 281 13.54 -2.54 -5.03
N ASN B 282 12.45 -2.05 -4.45
CA ASN B 282 11.09 -2.55 -4.68
C ASN B 282 10.66 -2.36 -6.12
N TYR B 283 9.85 -3.29 -6.62
CA TYR B 283 9.23 -3.23 -7.93
C TYR B 283 10.14 -3.14 -9.20
N LEU B 284 11.46 -3.43 -9.09
CA LEU B 284 12.35 -3.42 -10.26
C LEU B 284 11.76 -4.37 -11.29
N VAL B 285 11.46 -3.84 -12.52
CA VAL B 285 10.74 -4.53 -13.61
C VAL B 285 9.32 -4.65 -13.02
N GLN B 286 8.59 -3.56 -13.17
CA GLN B 286 7.30 -3.32 -12.54
C GLN B 286 6.08 -4.03 -13.13
N THR B 287 6.11 -4.32 -14.43
CA THR B 287 5.01 -4.98 -15.10
C THR B 287 5.45 -6.25 -15.81
N GLU B 288 4.49 -7.17 -16.02
CA GLU B 288 4.67 -8.41 -16.79
C GLU B 288 5.14 -8.09 -18.22
N GLU B 289 4.63 -6.99 -18.81
CA GLU B 289 4.95 -6.51 -20.15
C GLU B 289 6.46 -6.21 -20.24
N GLN B 290 7.01 -5.47 -19.23
CA GLN B 290 8.45 -5.19 -19.13
C GLN B 290 9.26 -6.48 -18.99
N TYR B 291 8.72 -7.45 -18.21
CA TYR B 291 9.32 -8.76 -17.99
C TYR B 291 9.43 -9.56 -19.30
N ILE B 292 8.36 -9.56 -20.13
CA ILE B 292 8.30 -10.21 -21.44
C ILE B 292 9.23 -9.43 -22.39
N PHE B 293 9.24 -8.09 -22.31
CA PHE B 293 10.13 -7.25 -23.11
C PHE B 293 11.61 -7.64 -22.97
N ILE B 294 12.08 -7.92 -21.73
CA ILE B 294 13.46 -8.35 -21.44
C ILE B 294 13.81 -9.59 -22.28
N HIS B 295 12.92 -10.59 -22.27
CA HIS B 295 13.11 -11.85 -22.99
C HIS B 295 13.17 -11.62 -24.48
N ASP B 296 12.27 -10.78 -25.02
CA ASP B 296 12.27 -10.42 -26.44
C ASP B 296 13.57 -9.72 -26.82
N ALA B 297 14.02 -8.74 -26.01
CA ALA B 297 15.27 -8.00 -26.25
C ALA B 297 16.49 -8.91 -26.22
N LEU B 298 16.53 -9.85 -25.25
CA LEU B 298 17.63 -10.82 -25.12
C LEU B 298 17.64 -11.84 -26.23
N LEU B 299 16.43 -12.28 -26.69
CA LEU B 299 16.25 -13.21 -27.82
C LEU B 299 16.82 -12.55 -29.10
N GLU B 300 16.54 -11.27 -29.35
CA GLU B 300 17.06 -10.54 -30.50
C GLU B 300 18.57 -10.41 -30.46
N ALA B 301 19.14 -10.17 -29.26
CA ALA B 301 20.60 -10.10 -29.06
C ALA B 301 21.25 -11.44 -29.41
N ILE B 302 20.63 -12.55 -28.98
CA ILE B 302 21.13 -13.91 -29.21
C ILE B 302 21.14 -14.25 -30.71
N LEU B 303 20.07 -13.84 -31.43
CA LEU B 303 19.90 -14.08 -32.86
C LEU B 303 20.78 -13.20 -33.73
N GLY B 304 20.90 -11.93 -33.37
CA GLY B 304 21.66 -10.92 -34.11
C GLY B 304 23.17 -11.00 -34.03
N LYS B 305 23.71 -12.03 -33.33
CA LYS B 305 25.15 -12.29 -33.14
C LYS B 305 25.88 -12.63 -34.47
N GLU B 306 25.76 -11.70 -35.47
CA GLU B 306 26.30 -11.75 -36.83
C GLU B 306 25.56 -12.77 -37.70
C1 NXW C . -21.20 -2.23 30.49
C2 NXW C . -20.84 -3.04 29.66
C3 NXW C . -21.36 0.79 32.65
C4 NXW C . -20.94 -0.11 31.67
C5 NXW C . -20.82 -5.33 28.84
C6 NXW C . -20.48 -6.28 27.89
C7 NXW C . -15.07 -2.98 24.73
C8 NXW C . -22.49 0.50 33.43
C9 NXW C . -14.15 -2.62 23.72
C10 NXW C . -22.78 -1.59 32.25
C11 NXW C . -19.78 -3.58 27.53
C12 NXW C . -16.78 -1.62 23.69
C13 NXW C . -21.65 -1.30 31.47
C14 NXW C . -20.47 -3.99 28.67
C15 NXW C . -19.80 -5.86 26.73
C16 NXW C . -16.38 -2.47 24.70
C17 NXW C . -23.20 -0.69 33.23
C18 NXW C . -19.42 -4.52 26.56
C19 NXW C . -14.57 -1.76 22.70
C20 NXW C . -15.87 -1.28 22.69
C21 NXW C . -19.43 -6.86 25.76
C22 NXW C . -25.20 -2.07 34.00
C23 NXW C . -31.05 -3.86 34.08
C24 NXW C . -17.35 -2.84 25.75
C25 NXW C . -26.29 -1.92 35.04
C26 NXW C . -28.74 -3.26 33.76
C27 NXW C . -28.29 -3.28 35.22
N28 NXW C . -24.34 -0.96 34.01
N29 NXW C . -29.78 -4.21 33.47
N30 NXW C . -26.84 -3.21 35.41
O31 NXW C . -18.29 -7.32 25.66
O32 NXW C . -25.13 -3.05 33.26
O33 NXW C . -20.44 -7.22 24.93
S34 NXW C . -18.54 -4.00 25.08
CL35 NXW C . -13.46 -1.31 21.45
CL36 NXW C . -16.39 -0.22 21.45
O1 MES D . -28.50 -13.22 18.54
C2 MES D . -27.61 -14.16 17.85
C3 MES D . -26.20 -13.60 17.65
N4 MES D . -25.66 -13.09 18.96
C5 MES D . -26.55 -12.09 19.67
C6 MES D . -27.98 -12.72 19.83
C7 MES D . -24.20 -12.98 18.93
C8 MES D . -23.65 -12.53 20.26
S MES D . -22.05 -11.82 19.98
O1S MES D . -21.77 -10.60 20.89
O2S MES D . -21.75 -11.50 18.45
O3S MES D . -20.96 -12.93 20.47
C1 NXW E . 6.45 -4.98 -24.01
C2 NXW E . 6.58 -3.92 -23.46
C3 NXW E . 7.10 -8.05 -26.09
C4 NXW E . 7.27 -6.79 -25.47
C5 NXW E . 5.58 -1.98 -22.35
C6 NXW E . 5.69 -0.77 -21.66
C7 NXW E . 12.31 1.09 -23.54
C8 NXW E . 5.92 -8.78 -25.88
C9 NXW E . 13.57 1.71 -23.46
C10 NXW E . 5.09 -6.99 -24.42
C11 NXW E . 8.00 -2.18 -22.44
C12 NXW E . 12.98 -0.59 -21.95
C13 NXW E . 6.27 -6.26 -24.64
C14 NXW E . 6.73 -2.68 -22.75
C15 NXW E . 6.97 -0.28 -21.36
C16 NXW E . 12.03 -0.04 -22.78
C17 NXW E . 4.91 -8.25 -25.05
C18 NXW E . 8.13 -0.96 -21.75
C19 NXW E . 14.54 1.16 -22.62
C20 NXW E . 14.25 0.01 -21.86
C21 NXW E . 7.04 0.98 -20.63
C22 NXW E . 2.60 -8.67 -24.06
C23 NXW E . -3.29 -11.85 -23.82
C24 NXW E . 10.69 -0.70 -22.85
C25 NXW E . 1.53 -9.75 -24.12
C26 NXW E . -2.01 -9.93 -23.19
C27 NXW E . -0.53 -9.81 -22.88
N28 NXW E . 3.72 -8.99 -24.84
N29 NXW E . -2.57 -11.18 -22.74
N30 NXW E . 0.21 -9.17 -23.96
O31 NXW E . 7.54 1.09 -19.52
O32 NXW E . 2.44 -7.63 -23.38
O33 NXW E . 6.48 2.03 -21.29
S34 NXW E . 9.79 -0.33 -21.36
CL35 NXW E . 16.12 1.88 -22.51
CL36 NXW E . 15.43 -0.67 -20.84
O1 MES F . 3.00 2.58 -8.33
C2 MES F . 3.20 4.01 -8.20
C3 MES F . 4.36 4.52 -9.06
N4 MES F . 4.19 4.05 -10.47
C5 MES F . 3.98 2.55 -10.65
C6 MES F . 2.80 2.12 -9.72
C7 MES F . 4.96 4.86 -11.40
C8 MES F . 4.76 4.41 -12.83
S MES F . 6.13 4.95 -13.80
O1S MES F . 6.51 3.93 -14.90
O2S MES F . 7.38 5.41 -12.91
O3S MES F . 5.62 6.27 -14.61
#